data_4BVO
#
_entry.id   4BVO
#
_cell.length_a   143.692
_cell.length_b   143.692
_cell.length_c   75.166
_cell.angle_alpha   90.00
_cell.angle_beta   90.00
_cell.angle_gamma   120.00
#
_symmetry.space_group_name_H-M   'P 63 2 2'
#
loop_
_entity.id
_entity.type
_entity.pdbx_description
1 polymer 'ECTONUCLEOSIDE TRIPHOSPHATE DIPHOSPHOHYDROLASE I'
2 non-polymer 'L(+)-TARTARIC ACID'
3 non-polymer 12-POLYTUNGSTATE
4 non-polymer 'SODIUM ION'
5 water water
#
_entity_poly.entity_id   1
_entity_poly.type   'polypeptide(L)'
_entity_poly.pdbx_seq_one_letter_code
;MDHHHHHHNPCEKHSCIAVIDAGSTGSRLHIYSYDTDDTNTPIHIEEIWNKKIKPGFASIQPNSVTIDAYLTMLLADAPI
HNIPVYFYATAGMRLLPQSQQKKYYDELDYWFRQQSQWQLVEAKTITGNDEALFDWLAVNYKLDTLKSVQNKSVGVMDMG
GASVQIVFPMPKNAEISKHNQVELNIYGQNINLYVHSFLGLGQTEMSHQFLNSPSCFANDYPLPDGESGQGNAPSCKEEV
TSLMNSVHKVNQQIQPLLALNPVNEWYSIGGISNLASSQLFHFENSELTNQSLLQQGDNQICHQQWDILNGQYPDDEYLY
QYCLLSSYYYALMVDGYGINPNQTIHYIPPEQNLDWTIGVVLHRA
;
_entity_poly.pdbx_strand_id   A
#
# COMPACT_ATOMS: atom_id res chain seq x y z
N PRO A 10 -25.55 16.17 -1.87
CA PRO A 10 -25.11 15.02 -2.69
C PRO A 10 -25.56 13.73 -2.02
N CYS A 11 -25.50 13.68 -0.70
CA CYS A 11 -26.02 12.54 0.04
C CYS A 11 -27.53 12.62 0.12
N GLU A 12 -28.08 13.68 -0.49
CA GLU A 12 -29.51 13.88 -0.63
C GLU A 12 -30.15 12.82 -1.53
N LYS A 13 -29.67 12.72 -2.78
CA LYS A 13 -30.26 11.80 -3.74
C LYS A 13 -29.45 10.51 -3.93
N HIS A 14 -28.26 10.44 -3.34
CA HIS A 14 -27.39 9.26 -3.47
C HIS A 14 -27.02 8.66 -2.10
N SER A 15 -26.49 7.45 -2.11
CA SER A 15 -25.93 6.85 -0.90
C SER A 15 -24.58 7.48 -0.59
N CYS A 16 -24.21 7.52 0.69
CA CYS A 16 -22.91 8.04 1.10
C CYS A 16 -22.29 7.18 2.17
N ILE A 17 -20.98 7.15 2.18
CA ILE A 17 -20.22 6.36 3.13
C ILE A 17 -18.93 7.09 3.44
N ALA A 18 -18.49 7.01 4.69
CA ALA A 18 -17.18 7.56 5.08
C ALA A 18 -16.25 6.40 5.38
N VAL A 19 -15.04 6.46 4.81
CA VAL A 19 -14.03 5.47 5.09
C VAL A 19 -12.81 6.22 5.57
N ILE A 20 -12.36 5.87 6.77
CA ILE A 20 -11.13 6.44 7.33
C ILE A 20 -10.00 5.43 7.20
N ASP A 21 -8.98 5.84 6.45
CA ASP A 21 -7.75 5.07 6.33
C ASP A 21 -6.82 5.55 7.43
N ALA A 22 -6.74 4.77 8.51
CA ALA A 22 -5.85 5.11 9.60
C ALA A 22 -4.50 4.48 9.32
N GLY A 23 -3.68 5.21 8.58
CA GLY A 23 -2.45 4.68 8.05
C GLY A 23 -1.22 5.02 8.89
N SER A 24 -0.05 4.73 8.35
CA SER A 24 1.19 4.83 9.12
C SER A 24 1.61 6.25 9.46
N THR A 25 1.50 7.16 8.50
CA THR A 25 1.99 8.51 8.74
C THR A 25 0.86 9.50 9.03
N GLY A 26 -0.37 9.03 8.89
CA GLY A 26 -1.54 9.85 9.19
C GLY A 26 -2.83 9.14 8.87
N SER A 27 -3.95 9.82 9.11
CA SER A 27 -5.26 9.26 8.83
C SER A 27 -5.91 10.11 7.77
N ARG A 28 -6.57 9.45 6.83
CA ARG A 28 -7.22 10.13 5.72
CA ARG A 28 -7.20 10.10 5.71
C ARG A 28 -8.69 9.74 5.69
N LEU A 29 -9.55 10.76 5.82
CA LEU A 29 -10.98 10.58 5.74
C LEU A 29 -11.39 10.75 4.29
N HIS A 30 -12.15 9.78 3.77
CA HIS A 30 -12.73 9.86 2.44
C HIS A 30 -14.23 9.76 2.60
N ILE A 31 -14.98 10.69 2.01
CA ILE A 31 -16.43 10.55 1.95
C ILE A 31 -16.80 10.36 0.49
N TYR A 32 -17.56 9.30 0.21
CA TYR A 32 -17.90 8.91 -1.15
C TYR A 32 -19.42 8.92 -1.31
N SER A 33 -19.89 9.43 -2.44
CA SER A 33 -21.25 9.22 -2.89
C SER A 33 -21.22 8.10 -3.92
N TYR A 34 -22.35 7.40 -4.05
CA TYR A 34 -22.46 6.26 -4.97
C TYR A 34 -23.92 5.92 -5.17
N ASP A 35 -24.20 5.26 -6.28
CA ASP A 35 -25.50 4.63 -6.52
C ASP A 35 -25.25 3.14 -6.52
N THR A 36 -26.31 2.36 -6.60
CA THR A 36 -26.22 0.90 -6.54
C THR A 36 -26.95 0.33 -7.73
N ASP A 37 -26.31 -0.58 -8.45
CA ASP A 37 -26.92 -1.16 -9.62
C ASP A 37 -27.76 -2.40 -9.26
N ASP A 38 -28.33 -3.06 -10.26
CA ASP A 38 -29.23 -4.16 -9.96
C ASP A 38 -28.53 -5.47 -9.61
N THR A 39 -27.20 -5.43 -9.49
CA THR A 39 -26.44 -6.56 -8.91
C THR A 39 -26.08 -6.29 -7.45
N ASN A 40 -26.65 -5.22 -6.89
CA ASN A 40 -26.30 -4.77 -5.54
C ASN A 40 -24.82 -4.39 -5.45
N THR A 41 -24.29 -3.79 -6.51
CA THR A 41 -22.90 -3.32 -6.53
C THR A 41 -22.88 -1.80 -6.70
N PRO A 42 -22.08 -1.08 -5.88
CA PRO A 42 -21.92 0.36 -6.06
C PRO A 42 -21.38 0.73 -7.43
N ILE A 43 -21.87 1.88 -7.92
CA ILE A 43 -21.49 2.44 -9.21
C ILE A 43 -21.40 3.94 -9.02
N HIS A 44 -20.75 4.63 -9.96
CA HIS A 44 -20.64 6.10 -9.91
C HIS A 44 -20.04 6.53 -8.58
N ILE A 45 -19.02 5.82 -8.14
CA ILE A 45 -18.37 6.17 -6.88
C ILE A 45 -17.59 7.47 -7.06
N GLU A 46 -17.93 8.48 -6.25
CA GLU A 46 -17.30 9.81 -6.35
C GLU A 46 -16.88 10.27 -4.97
N GLU A 47 -15.64 10.73 -4.88
CA GLU A 47 -15.15 11.26 -3.62
C GLU A 47 -15.61 12.70 -3.47
N ILE A 48 -16.38 12.99 -2.42
CA ILE A 48 -16.94 14.33 -2.24
C ILE A 48 -16.20 15.08 -1.14
N TRP A 49 -15.38 14.36 -0.39
CA TRP A 49 -14.61 14.96 0.69
C TRP A 49 -13.38 14.11 0.97
N ASN A 50 -12.27 14.80 1.24
CA ASN A 50 -10.99 14.17 1.53
C ASN A 50 -10.27 15.08 2.54
N LYS A 51 -9.90 14.53 3.69
CA LYS A 51 -9.06 15.25 4.65
C LYS A 51 -8.05 14.32 5.28
N LYS A 52 -6.79 14.78 5.31
CA LYS A 52 -5.74 14.05 5.98
C LYS A 52 -5.16 14.82 7.17
N ILE A 53 -4.94 14.12 8.27
CA ILE A 53 -4.25 14.71 9.41
C ILE A 53 -3.03 13.86 9.78
N LYS A 54 -2.11 14.45 10.54
CA LYS A 54 -0.94 13.76 11.07
C LYS A 54 -0.99 13.85 12.59
N PRO A 55 -0.29 12.96 13.31
CA PRO A 55 0.53 11.83 12.85
C PRO A 55 -0.34 10.59 12.64
N GLY A 56 0.29 9.43 12.46
CA GLY A 56 -0.41 8.16 12.41
C GLY A 56 -1.10 7.85 13.73
N PHE A 57 -2.26 7.19 13.64
CA PHE A 57 -3.10 6.84 14.79
C PHE A 57 -2.33 6.01 15.84
N ALA A 58 -1.52 5.08 15.36
CA ALA A 58 -0.73 4.21 16.24
C ALA A 58 0.41 4.95 16.97
N SER A 59 0.63 6.21 16.61
CA SER A 59 1.68 6.99 17.25
CA SER A 59 1.68 7.01 17.23
C SER A 59 1.14 7.94 18.31
N ILE A 60 -0.18 8.01 18.47
CA ILE A 60 -0.75 8.88 19.51
C ILE A 60 -1.17 8.07 20.75
N GLN A 61 -1.26 8.73 21.91
CA GLN A 61 -1.67 8.06 23.14
C GLN A 61 -3.15 7.67 23.07
N PRO A 62 -3.50 6.43 23.46
CA PRO A 62 -4.90 5.98 23.41
C PRO A 62 -5.76 6.44 24.61
N ASN A 63 -5.88 7.76 24.83
CA ASN A 63 -6.78 8.24 25.88
C ASN A 63 -7.86 9.17 25.33
N SER A 64 -8.84 9.46 26.19
CA SER A 64 -10.05 10.13 25.74
C SER A 64 -9.75 11.55 25.24
N VAL A 65 -8.85 12.26 25.91
CA VAL A 65 -8.48 13.64 25.53
C VAL A 65 -7.77 13.66 24.16
N THR A 66 -6.80 12.78 23.98
CA THR A 66 -6.00 12.74 22.76
C THR A 66 -6.80 12.29 21.54
N ILE A 67 -7.57 11.21 21.72
CA ILE A 67 -8.47 10.68 20.69
C ILE A 67 -9.53 11.72 20.29
N ASP A 68 -10.06 12.45 21.26
CA ASP A 68 -11.07 13.46 20.95
C ASP A 68 -10.49 14.57 20.08
N ALA A 69 -9.31 15.07 20.46
CA ALA A 69 -8.63 16.11 19.68
C ALA A 69 -8.37 15.62 18.25
N TYR A 70 -7.83 14.42 18.14
CA TYR A 70 -7.50 13.79 16.86
C TYR A 70 -8.73 13.60 15.97
N LEU A 71 -9.76 12.97 16.51
CA LEU A 71 -10.95 12.68 15.72
C LEU A 71 -11.77 13.93 15.42
N THR A 72 -11.81 14.88 16.36
CA THR A 72 -12.41 16.18 16.11
C THR A 72 -11.70 16.88 14.95
N MET A 73 -10.37 16.86 14.96
CA MET A 73 -9.57 17.48 13.90
C MET A 73 -9.85 16.85 12.53
N LEU A 74 -9.95 15.52 12.51
CA LEU A 74 -10.14 14.76 11.29
C LEU A 74 -11.53 14.96 10.68
N LEU A 75 -12.54 15.09 11.52
CA LEU A 75 -13.95 15.09 11.07
C LEU A 75 -14.67 16.45 11.15
N ALA A 76 -14.16 17.37 11.97
CA ALA A 76 -14.89 18.62 12.31
C ALA A 76 -15.36 19.43 11.11
N ASP A 77 -14.46 19.68 10.17
CA ASP A 77 -14.82 20.58 9.08
C ASP A 77 -15.67 19.89 8.01
N ALA A 78 -15.74 18.56 8.05
CA ALA A 78 -16.46 17.76 7.02
C ALA A 78 -17.83 18.34 6.70
N PRO A 79 -18.06 18.67 5.41
CA PRO A 79 -19.27 19.39 5.03
C PRO A 79 -20.50 18.48 4.99
N ILE A 80 -20.29 17.18 5.06
CA ILE A 80 -21.37 16.20 5.03
C ILE A 80 -21.47 15.45 6.37
N HIS A 81 -22.68 15.41 6.92
CA HIS A 81 -22.89 14.99 8.32
C HIS A 81 -23.29 13.53 8.60
N ASN A 82 -24.58 13.21 8.53
CA ASN A 82 -25.13 11.95 9.09
C ASN A 82 -25.00 10.74 8.17
N ILE A 83 -23.88 10.01 8.29
CA ILE A 83 -23.55 8.91 7.37
C ILE A 83 -22.76 7.78 8.06
N PRO A 84 -22.82 6.54 7.51
CA PRO A 84 -22.07 5.44 8.12
C PRO A 84 -20.56 5.60 7.95
N VAL A 85 -19.81 5.19 8.98
CA VAL A 85 -18.35 5.34 9.00
C VAL A 85 -17.65 4.00 9.17
N TYR A 86 -16.64 3.74 8.34
CA TYR A 86 -15.72 2.63 8.55
C TYR A 86 -14.33 3.19 8.92
N PHE A 87 -13.82 2.81 10.07
CA PHE A 87 -12.51 3.26 10.53
C PHE A 87 -11.60 2.05 10.46
N TYR A 88 -10.69 2.05 9.49
CA TYR A 88 -9.84 0.89 9.23
C TYR A 88 -8.38 1.27 9.37
N ALA A 89 -7.71 0.70 10.37
CA ALA A 89 -6.26 0.86 10.55
C ALA A 89 -5.49 -0.23 9.83
N THR A 90 -4.25 0.06 9.43
CA THR A 90 -3.47 -0.88 8.63
C THR A 90 -2.18 -1.29 9.37
N ALA A 91 -1.06 -1.48 8.65
CA ALA A 91 0.14 -2.14 9.24
C ALA A 91 0.74 -1.44 10.46
N GLY A 92 0.60 -0.12 10.54
CA GLY A 92 1.15 0.62 11.70
C GLY A 92 0.52 0.12 13.00
N MET A 93 -0.78 -0.14 12.97
CA MET A 93 -1.49 -0.70 14.13
C MET A 93 -1.19 -2.18 14.32
N ARG A 94 -1.00 -2.91 13.21
CA ARG A 94 -0.65 -4.35 13.28
C ARG A 94 0.66 -4.59 14.02
N LEU A 95 1.54 -3.58 14.04
CA LEU A 95 2.82 -3.70 14.74
C LEU A 95 2.65 -3.61 16.26
N LEU A 96 1.50 -3.16 16.72
CA LEU A 96 1.32 -2.99 18.16
C LEU A 96 0.69 -4.22 18.75
N PRO A 97 1.02 -4.53 20.02
CA PRO A 97 0.34 -5.62 20.73
C PRO A 97 -1.19 -5.44 20.67
N GLN A 98 -1.92 -6.54 20.52
CA GLN A 98 -3.39 -6.52 20.57
C GLN A 98 -3.91 -5.78 21.81
N SER A 99 -3.29 -6.00 22.98
CA SER A 99 -3.73 -5.29 24.19
C SER A 99 -3.60 -3.77 24.07
N GLN A 100 -2.59 -3.32 23.33
CA GLN A 100 -2.44 -1.88 23.09
C GLN A 100 -3.46 -1.38 22.07
N GLN A 101 -3.67 -2.16 21.01
CA GLN A 101 -4.70 -1.84 20.00
C GLN A 101 -6.07 -1.68 20.64
N LYS A 102 -6.39 -2.58 21.59
CA LYS A 102 -7.71 -2.58 22.24
C LYS A 102 -8.05 -1.26 22.92
N LYS A 103 -7.05 -0.62 23.52
CA LYS A 103 -7.22 0.68 24.15
C LYS A 103 -7.71 1.72 23.14
N TYR A 104 -7.09 1.76 21.97
CA TYR A 104 -7.51 2.67 20.92
C TYR A 104 -8.97 2.46 20.52
N TYR A 105 -9.34 1.19 20.30
CA TYR A 105 -10.70 0.87 19.82
C TYR A 105 -11.77 1.07 20.87
N ASP A 106 -11.44 0.80 22.13
CA ASP A 106 -12.33 1.16 23.23
C ASP A 106 -12.62 2.67 23.24
N GLU A 107 -11.57 3.49 23.15
CA GLU A 107 -11.74 4.97 23.13
C GLU A 107 -12.50 5.47 21.89
N LEU A 108 -12.20 4.88 20.75
CA LEU A 108 -12.84 5.22 19.50
C LEU A 108 -14.35 4.89 19.51
N ASP A 109 -14.72 3.71 20.01
CA ASP A 109 -16.16 3.37 20.17
C ASP A 109 -16.88 4.42 21.02
N TYR A 110 -16.25 4.84 22.12
CA TYR A 110 -16.84 5.83 23.03
C TYR A 110 -17.01 7.19 22.37
N TRP A 111 -15.98 7.63 21.66
CA TRP A 111 -16.04 8.90 20.94
C TRP A 111 -17.19 8.92 19.91
N PHE A 112 -17.29 7.87 19.12
CA PHE A 112 -18.34 7.82 18.07
C PHE A 112 -19.75 7.70 18.63
N ARG A 113 -19.90 6.98 19.74
CA ARG A 113 -21.21 6.87 20.42
C ARG A 113 -21.80 8.24 20.72
N GLN A 114 -20.95 9.16 21.14
CA GLN A 114 -21.41 10.49 21.55
C GLN A 114 -21.76 11.39 20.38
N GLN A 115 -21.33 11.02 19.19
CA GLN A 115 -21.58 11.83 17.99
C GLN A 115 -22.81 11.33 17.28
N SER A 116 -23.86 12.14 17.29
CA SER A 116 -25.13 11.75 16.71
C SER A 116 -25.12 11.86 15.18
N GLN A 117 -24.07 12.45 14.64
CA GLN A 117 -23.96 12.69 13.19
C GLN A 117 -23.09 11.64 12.44
N TRP A 118 -22.33 10.84 13.16
CA TRP A 118 -21.51 9.82 12.53
C TRP A 118 -21.95 8.47 13.05
N GLN A 119 -22.40 7.57 12.17
CA GLN A 119 -22.83 6.25 12.62
C GLN A 119 -21.70 5.25 12.38
N LEU A 120 -20.95 4.94 13.44
CA LEU A 120 -19.80 4.05 13.28
C LEU A 120 -20.27 2.63 13.02
N VAL A 121 -19.91 2.08 11.86
CA VAL A 121 -20.27 0.71 11.50
C VAL A 121 -19.26 -0.27 12.07
N GLU A 122 -17.98 0.00 11.81
CA GLU A 122 -16.89 -0.89 12.19
C GLU A 122 -15.65 -0.05 12.42
N ALA A 123 -14.91 -0.35 13.49
CA ALA A 123 -13.57 0.21 13.71
C ALA A 123 -12.68 -0.94 14.07
N LYS A 124 -11.66 -1.17 13.27
CA LYS A 124 -10.75 -2.29 13.52
C LYS A 124 -9.46 -2.13 12.75
N THR A 125 -8.50 -2.96 13.12
CA THR A 125 -7.26 -3.08 12.35
C THR A 125 -7.51 -4.18 11.34
N ILE A 126 -7.59 -3.82 10.06
CA ILE A 126 -7.89 -4.84 9.03
C ILE A 126 -6.62 -5.64 8.80
N THR A 127 -6.76 -6.90 8.37
CA THR A 127 -5.58 -7.71 8.05
C THR A 127 -4.98 -7.20 6.74
N GLY A 128 -3.70 -7.52 6.51
CA GLY A 128 -3.04 -7.24 5.24
C GLY A 128 -3.78 -7.93 4.10
N ASN A 129 -4.38 -9.09 4.39
CA ASN A 129 -5.14 -9.82 3.37
C ASN A 129 -6.39 -9.06 2.94
N ASP A 130 -7.11 -8.48 3.89
CA ASP A 130 -8.25 -7.60 3.56
C ASP A 130 -7.81 -6.34 2.81
N GLU A 131 -6.69 -5.77 3.24
CA GLU A 131 -6.11 -4.60 2.59
C GLU A 131 -5.81 -4.93 1.11
N ALA A 132 -5.22 -6.10 0.88
CA ALA A 132 -4.90 -6.58 -0.46
C ALA A 132 -6.17 -6.69 -1.30
N LEU A 133 -7.25 -7.24 -0.71
CA LEU A 133 -8.53 -7.32 -1.42
C LEU A 133 -9.01 -5.92 -1.83
N PHE A 134 -8.99 -4.98 -0.90
CA PHE A 134 -9.46 -3.62 -1.22
C PHE A 134 -8.56 -2.98 -2.27
N ASP A 135 -7.24 -3.22 -2.18
CA ASP A 135 -6.29 -2.74 -3.21
C ASP A 135 -6.68 -3.20 -4.59
N TRP A 136 -6.99 -4.49 -4.72
CA TRP A 136 -7.33 -5.05 -6.04
C TRP A 136 -8.63 -4.47 -6.56
N LEU A 137 -9.65 -4.38 -5.70
CA LEU A 137 -10.93 -3.76 -6.11
C LEU A 137 -10.77 -2.32 -6.56
N ALA A 138 -9.96 -1.55 -5.82
CA ALA A 138 -9.77 -0.13 -6.13
C ALA A 138 -9.11 0.05 -7.50
N VAL A 139 -8.02 -0.70 -7.76
CA VAL A 139 -7.33 -0.57 -9.04
C VAL A 139 -8.23 -0.97 -10.21
N ASN A 140 -8.85 -2.14 -10.07
CA ASN A 140 -9.72 -2.65 -11.12
C ASN A 140 -10.96 -1.80 -11.38
N TYR A 141 -11.51 -1.18 -10.33
CA TYR A 141 -12.59 -0.21 -10.51
C TYR A 141 -12.11 0.93 -11.39
N LYS A 142 -10.93 1.48 -11.08
CA LYS A 142 -10.42 2.58 -11.89
C LYS A 142 -10.03 2.21 -13.34
N LEU A 143 -9.58 0.98 -13.54
CA LEU A 143 -9.27 0.50 -14.90
C LEU A 143 -10.52 0.06 -15.66
N ASP A 144 -11.68 0.04 -14.99
CA ASP A 144 -12.95 -0.39 -15.59
C ASP A 144 -12.90 -1.83 -16.11
N THR A 145 -12.35 -2.72 -15.30
CA THR A 145 -12.22 -4.13 -15.64
C THR A 145 -13.13 -5.03 -14.79
N LEU A 146 -13.95 -4.45 -13.93
CA LEU A 146 -14.79 -5.25 -13.04
C LEU A 146 -16.14 -5.64 -13.67
N LYS A 147 -16.64 -4.82 -14.60
CA LYS A 147 -18.03 -4.94 -15.07
C LYS A 147 -18.35 -6.14 -15.94
N SER A 148 -17.34 -6.64 -16.65
CA SER A 148 -17.53 -7.80 -17.52
C SER A 148 -16.41 -8.82 -17.33
N VAL A 149 -16.74 -10.09 -17.60
CA VAL A 149 -15.81 -11.23 -17.49
C VAL A 149 -14.59 -10.97 -18.38
N GLN A 150 -13.40 -11.11 -17.79
CA GLN A 150 -12.18 -10.62 -18.41
C GLN A 150 -11.33 -11.69 -19.04
N ASN A 151 -10.79 -11.37 -20.22
CA ASN A 151 -9.77 -12.20 -20.88
C ASN A 151 -8.48 -12.25 -20.07
N LYS A 152 -8.12 -11.11 -19.50
CA LYS A 152 -6.80 -10.95 -18.90
C LYS A 152 -6.80 -10.95 -17.39
N SER A 153 -5.70 -11.43 -16.82
CA SER A 153 -5.52 -11.46 -15.37
CA SER A 153 -5.52 -11.46 -15.37
C SER A 153 -4.75 -10.24 -14.92
N VAL A 154 -5.35 -9.50 -13.98
CA VAL A 154 -4.74 -8.29 -13.42
C VAL A 154 -4.23 -8.53 -12.01
N GLY A 155 -2.97 -8.21 -11.78
CA GLY A 155 -2.38 -8.34 -10.47
C GLY A 155 -2.08 -6.96 -9.90
N VAL A 156 -2.17 -6.83 -8.58
CA VAL A 156 -1.84 -5.58 -7.90
C VAL A 156 -0.79 -5.81 -6.81
N MET A 157 0.20 -4.93 -6.77
CA MET A 157 1.21 -4.88 -5.72
C MET A 157 1.11 -3.54 -5.00
N ASP A 158 1.00 -3.59 -3.68
CA ASP A 158 0.91 -2.38 -2.88
C ASP A 158 2.17 -2.31 -2.06
N MET A 159 2.93 -1.24 -2.26
CA MET A 159 4.23 -1.05 -1.64
C MET A 159 4.08 -0.04 -0.50
N GLY A 160 3.83 -0.55 0.71
CA GLY A 160 3.52 0.30 1.88
C GLY A 160 4.73 0.59 2.77
N GLY A 161 4.52 1.35 3.85
CA GLY A 161 5.60 1.70 4.78
C GLY A 161 6.01 0.53 5.67
N ALA A 162 5.03 -0.21 6.18
CA ALA A 162 5.32 -1.33 7.09
C ALA A 162 4.99 -2.73 6.50
N SER A 163 4.02 -2.80 5.58
CA SER A 163 3.72 -4.08 4.92
C SER A 163 3.69 -3.90 3.41
N VAL A 164 3.86 -4.99 2.70
CA VAL A 164 3.57 -4.99 1.25
C VAL A 164 2.50 -6.04 0.97
N GLN A 165 1.63 -5.74 0.02
CA GLN A 165 0.56 -6.66 -0.38
C GLN A 165 0.72 -7.06 -1.83
N ILE A 166 0.31 -8.30 -2.12
CA ILE A 166 0.20 -8.78 -3.50
C ILE A 166 -1.13 -9.54 -3.61
N VAL A 167 -1.78 -9.37 -4.76
CA VAL A 167 -3.13 -9.92 -4.95
C VAL A 167 -3.33 -10.19 -6.44
N PHE A 168 -3.85 -11.38 -6.75
CA PHE A 168 -4.13 -11.77 -8.15
C PHE A 168 -5.16 -12.88 -8.21
N PRO A 169 -5.84 -13.04 -9.36
CA PRO A 169 -6.84 -14.10 -9.45
C PRO A 169 -6.25 -15.51 -9.29
N MET A 170 -6.97 -16.36 -8.56
CA MET A 170 -6.60 -17.76 -8.39
CA MET A 170 -6.60 -17.78 -8.41
C MET A 170 -7.85 -18.55 -7.97
N PRO A 171 -8.16 -19.65 -8.66
CA PRO A 171 -9.30 -20.48 -8.21
C PRO A 171 -9.11 -20.97 -6.77
N LYS A 172 -10.21 -21.26 -6.08
CA LYS A 172 -10.18 -21.87 -4.74
C LYS A 172 -9.23 -23.09 -4.73
N ASN A 173 -8.33 -23.13 -3.75
CA ASN A 173 -7.27 -24.15 -3.66
C ASN A 173 -7.24 -24.72 -2.24
N ALA A 174 -7.60 -25.99 -2.11
CA ALA A 174 -7.67 -26.68 -0.81
C ALA A 174 -6.31 -26.82 -0.13
N GLU A 175 -5.24 -26.58 -0.88
CA GLU A 175 -3.88 -26.76 -0.35
C GLU A 175 -3.29 -25.46 0.21
N ILE A 176 -4.05 -24.37 0.09
CA ILE A 176 -3.60 -23.04 0.51
C ILE A 176 -4.47 -22.57 1.67
N SER A 177 -3.86 -21.90 2.65
CA SER A 177 -4.60 -21.35 3.77
C SER A 177 -5.86 -20.57 3.31
N LYS A 178 -6.97 -20.77 4.02
CA LYS A 178 -8.20 -20.00 3.74
C LYS A 178 -7.99 -18.52 3.94
N HIS A 179 -7.04 -18.15 4.82
CA HIS A 179 -6.76 -16.74 5.08
C HIS A 179 -6.17 -16.01 3.87
N ASN A 180 -5.54 -16.74 2.96
CA ASN A 180 -4.91 -16.18 1.76
C ASN A 180 -5.81 -16.21 0.53
N GLN A 181 -7.09 -16.50 0.72
CA GLN A 181 -8.00 -16.64 -0.42
C GLN A 181 -9.28 -15.92 -0.12
N VAL A 182 -9.81 -15.20 -1.12
CA VAL A 182 -11.08 -14.48 -0.96
CA VAL A 182 -11.10 -14.56 -0.93
C VAL A 182 -12.04 -14.89 -2.06
N GLU A 183 -13.32 -14.95 -1.72
CA GLU A 183 -14.38 -15.16 -2.73
C GLU A 183 -15.28 -13.95 -2.60
N LEU A 184 -15.69 -13.39 -3.73
CA LEU A 184 -16.59 -12.25 -3.72
C LEU A 184 -17.34 -12.20 -5.04
N ASN A 185 -18.48 -11.51 -5.04
CA ASN A 185 -19.26 -11.34 -6.26
C ASN A 185 -19.41 -9.85 -6.50
N ILE A 186 -18.96 -9.40 -7.68
CA ILE A 186 -18.97 -7.98 -8.06
CA ILE A 186 -19.05 -7.99 -8.03
C ILE A 186 -19.61 -7.86 -9.44
N TYR A 187 -20.56 -6.95 -9.60
CA TYR A 187 -21.30 -6.79 -10.86
C TYR A 187 -21.83 -8.14 -11.38
N GLY A 188 -22.31 -8.96 -10.46
CA GLY A 188 -22.92 -10.25 -10.79
C GLY A 188 -21.96 -11.40 -11.07
N GLN A 189 -20.66 -11.14 -11.04
CA GLN A 189 -19.69 -12.17 -11.38
C GLN A 189 -18.92 -12.67 -10.14
N ASN A 190 -18.82 -13.98 -10.00
CA ASN A 190 -17.98 -14.58 -8.96
C ASN A 190 -16.49 -14.37 -9.29
N ILE A 191 -15.74 -13.97 -8.28
CA ILE A 191 -14.28 -13.76 -8.36
C ILE A 191 -13.62 -14.55 -7.23
N ASN A 192 -12.45 -15.10 -7.52
CA ASN A 192 -11.62 -15.78 -6.55
C ASN A 192 -10.23 -15.15 -6.62
N LEU A 193 -9.76 -14.63 -5.49
CA LEU A 193 -8.42 -14.01 -5.42
C LEU A 193 -7.52 -14.67 -4.41
N TYR A 194 -6.24 -14.74 -4.77
CA TYR A 194 -5.17 -15.01 -3.80
C TYR A 194 -4.70 -13.66 -3.24
N VAL A 195 -4.60 -13.57 -1.91
CA VAL A 195 -4.14 -12.33 -1.25
C VAL A 195 -3.01 -12.69 -0.29
N HIS A 196 -2.01 -11.81 -0.21
CA HIS A 196 -0.90 -12.02 0.72
C HIS A 196 -0.37 -10.67 1.17
N SER A 197 -0.02 -10.61 2.45
CA SER A 197 0.63 -9.44 3.00
C SER A 197 1.87 -9.87 3.76
N PHE A 198 2.97 -9.15 3.58
CA PHE A 198 4.21 -9.44 4.33
C PHE A 198 4.48 -8.29 5.28
N LEU A 199 4.15 -8.51 6.54
CA LEU A 199 4.30 -7.52 7.58
C LEU A 199 5.79 -7.47 7.96
N GLY A 200 6.34 -6.27 7.93
CA GLY A 200 7.78 -6.05 8.17
C GLY A 200 8.56 -5.78 6.89
N LEU A 201 7.97 -6.06 5.72
CA LEU A 201 8.65 -5.87 4.43
C LEU A 201 8.30 -4.55 3.74
N GLY A 202 7.46 -3.74 4.38
CA GLY A 202 7.23 -2.37 3.89
C GLY A 202 8.53 -1.59 3.95
N GLN A 203 8.63 -0.50 3.19
CA GLN A 203 9.91 0.15 2.97
C GLN A 203 10.54 0.73 4.25
N THR A 204 9.71 1.23 5.16
CA THR A 204 10.22 1.83 6.39
C THR A 204 10.77 0.75 7.33
N GLU A 205 9.97 -0.29 7.55
CA GLU A 205 10.36 -1.38 8.43
C GLU A 205 11.59 -2.13 7.88
N MET A 206 11.57 -2.45 6.59
CA MET A 206 12.67 -3.10 5.86
C MET A 206 13.96 -2.27 6.04
N SER A 207 13.85 -0.95 5.85
CA SER A 207 15.05 -0.09 5.83
C SER A 207 15.83 -0.18 7.15
N HIS A 208 15.12 -0.45 8.26
CA HIS A 208 15.73 -0.49 9.58
C HIS A 208 16.71 -1.64 9.74
N GLN A 209 16.74 -2.55 8.77
CA GLN A 209 17.70 -3.67 8.79
C GLN A 209 18.99 -3.40 7.99
N PHE A 210 18.99 -2.30 7.22
CA PHE A 210 20.07 -2.02 6.24
C PHE A 210 20.68 -0.64 6.37
N LEU A 211 20.43 0.05 7.48
CA LEU A 211 20.95 1.42 7.62
C LEU A 211 22.47 1.50 7.66
N ASN A 212 23.14 0.41 8.05
CA ASN A 212 24.60 0.37 8.09
C ASN A 212 25.23 -0.41 6.92
N SER A 213 24.49 -0.59 5.83
CA SER A 213 24.96 -1.32 4.65
C SER A 213 25.53 -0.33 3.60
N PRO A 214 26.88 -0.23 3.47
CA PRO A 214 27.45 0.77 2.55
C PRO A 214 26.97 0.61 1.10
N SER A 215 26.66 -0.62 0.68
CA SER A 215 26.23 -0.86 -0.71
C SER A 215 24.88 -0.22 -1.04
N CYS A 216 24.14 0.16 0.01
CA CYS A 216 22.76 0.66 -0.12
C CYS A 216 22.64 2.18 -0.09
N PHE A 217 23.78 2.89 -0.03
CA PHE A 217 23.76 4.37 0.03
C PHE A 217 24.78 4.97 -0.92
N ALA A 218 24.55 6.22 -1.33
CA ALA A 218 25.48 6.92 -2.23
C ALA A 218 26.85 6.99 -1.58
N ASN A 219 27.89 7.13 -2.42
CA ASN A 219 29.26 7.28 -1.93
C ASN A 219 29.40 8.40 -0.91
N ASP A 220 29.99 8.06 0.24
CA ASP A 220 30.28 9.02 1.32
C ASP A 220 29.06 9.45 2.13
N TYR A 221 27.89 8.85 1.86
CA TYR A 221 26.73 9.08 2.74
C TYR A 221 27.10 8.62 4.16
N PRO A 222 26.88 9.46 5.20
CA PRO A 222 27.29 9.01 6.53
C PRO A 222 26.30 8.01 7.13
N LEU A 223 26.76 6.80 7.41
CA LEU A 223 25.90 5.76 8.01
C LEU A 223 25.87 5.92 9.54
N PRO A 224 24.77 5.46 10.20
CA PRO A 224 24.66 5.77 11.64
C PRO A 224 25.82 5.28 12.49
N ASP A 225 26.41 4.15 12.14
CA ASP A 225 27.44 3.58 13.00
C ASP A 225 28.86 3.99 12.59
N GLY A 226 28.94 5.01 11.73
CA GLY A 226 30.22 5.67 11.44
C GLY A 226 30.91 5.32 10.14
N GLU A 227 30.44 4.29 9.44
CA GLU A 227 30.99 3.95 8.12
C GLU A 227 30.42 4.90 7.04
N SER A 228 30.90 4.75 5.80
CA SER A 228 30.52 5.61 4.69
C SER A 228 29.83 4.79 3.62
N GLY A 229 28.82 5.40 2.98
CA GLY A 229 28.20 4.83 1.79
C GLY A 229 29.24 4.52 0.70
N GLN A 230 28.99 3.43 0.01
CA GLN A 230 29.76 3.00 -1.16
C GLN A 230 28.79 2.21 -2.04
N GLY A 231 27.90 2.93 -2.71
CA GLY A 231 26.71 2.31 -3.29
C GLY A 231 26.97 1.37 -4.43
N ASN A 232 26.19 0.30 -4.47
CA ASN A 232 26.21 -0.63 -5.57
C ASN A 232 24.91 -1.38 -5.56
N ALA A 233 24.03 -1.03 -6.49
CA ALA A 233 22.64 -1.56 -6.46
C ALA A 233 22.56 -3.08 -6.51
N PRO A 234 23.36 -3.75 -7.39
CA PRO A 234 23.29 -5.23 -7.34
C PRO A 234 23.65 -5.82 -5.96
N SER A 235 24.63 -5.22 -5.27
CA SER A 235 25.04 -5.74 -3.95
C SER A 235 23.96 -5.44 -2.91
N CYS A 236 23.42 -4.21 -2.97
CA CYS A 236 22.34 -3.86 -2.05
C CYS A 236 21.14 -4.79 -2.27
N LYS A 237 20.79 -5.01 -3.55
CA LYS A 237 19.66 -5.88 -3.90
C LYS A 237 19.85 -7.28 -3.29
N GLU A 238 21.07 -7.83 -3.41
CA GLU A 238 21.34 -9.16 -2.80
C GLU A 238 21.12 -9.15 -1.29
N GLU A 239 21.54 -8.08 -0.60
CA GLU A 239 21.29 -7.98 0.85
C GLU A 239 19.80 -8.00 1.17
N VAL A 240 19.04 -7.20 0.42
CA VAL A 240 17.60 -7.10 0.65
C VAL A 240 16.91 -8.44 0.32
N THR A 241 17.36 -9.09 -0.74
CA THR A 241 16.83 -10.42 -1.09
C THR A 241 16.94 -11.41 0.04
N SER A 242 18.00 -11.34 0.86
CA SER A 242 18.14 -12.27 1.98
CA SER A 242 18.14 -12.27 1.98
C SER A 242 16.99 -12.10 2.98
N LEU A 243 16.56 -10.87 3.21
CA LEU A 243 15.42 -10.62 4.11
C LEU A 243 14.13 -11.16 3.46
N MET A 244 13.96 -10.92 2.17
CA MET A 244 12.79 -11.38 1.40
CA MET A 244 12.75 -11.40 1.51
C MET A 244 12.65 -12.91 1.45
N ASN A 245 13.72 -13.59 1.08
CA ASN A 245 13.65 -15.03 0.81
C ASN A 245 14.14 -15.92 1.93
N SER A 246 15.21 -15.54 2.62
CA SER A 246 15.70 -16.38 3.71
C SER A 246 14.82 -16.23 4.95
N VAL A 247 14.30 -15.02 5.18
CA VAL A 247 13.46 -14.77 6.35
C VAL A 247 11.95 -14.99 6.02
N HIS A 248 11.39 -14.15 5.16
CA HIS A 248 9.95 -14.20 4.84
C HIS A 248 9.54 -15.30 3.86
N LYS A 249 10.51 -15.91 3.18
CA LYS A 249 10.24 -16.95 2.17
C LYS A 249 9.29 -16.44 1.07
N VAL A 250 9.46 -15.19 0.65
CA VAL A 250 8.59 -14.61 -0.41
C VAL A 250 8.60 -15.52 -1.65
N ASN A 251 9.80 -15.88 -2.10
CA ASN A 251 9.91 -16.66 -3.32
C ASN A 251 9.17 -18.00 -3.26
N GLN A 252 9.38 -18.74 -2.17
CA GLN A 252 8.76 -20.07 -1.99
CA GLN A 252 8.76 -20.07 -2.00
C GLN A 252 7.25 -19.99 -1.95
N GLN A 253 6.73 -18.92 -1.36
CA GLN A 253 5.28 -18.78 -1.22
C GLN A 253 4.61 -18.25 -2.48
N ILE A 254 5.24 -17.29 -3.14
CA ILE A 254 4.57 -16.58 -4.24
C ILE A 254 4.89 -17.15 -5.64
N GLN A 255 6.15 -17.47 -5.91
CA GLN A 255 6.51 -17.88 -7.28
C GLN A 255 5.74 -19.10 -7.83
N PRO A 256 5.51 -20.16 -7.01
CA PRO A 256 4.70 -21.29 -7.52
C PRO A 256 3.30 -20.87 -7.95
N LEU A 257 2.71 -19.94 -7.18
CA LEU A 257 1.35 -19.52 -7.42
C LEU A 257 1.24 -18.65 -8.67
N LEU A 258 2.21 -17.76 -8.89
CA LEU A 258 2.23 -16.97 -10.12
C LEU A 258 2.55 -17.79 -11.36
N ALA A 259 3.38 -18.81 -11.21
CA ALA A 259 3.62 -19.78 -12.29
C ALA A 259 2.31 -20.41 -12.74
N LEU A 260 1.51 -20.86 -11.79
CA LEU A 260 0.28 -21.60 -12.09
C LEU A 260 -0.92 -20.71 -12.41
N ASN A 261 -0.84 -19.43 -12.01
CA ASN A 261 -1.92 -18.48 -12.21
C ASN A 261 -1.37 -17.17 -12.80
N PRO A 262 -0.89 -17.21 -14.06
CA PRO A 262 -0.16 -16.08 -14.59
C PRO A 262 -0.96 -14.80 -14.60
N VAL A 263 -0.26 -13.71 -14.35
CA VAL A 263 -0.80 -12.39 -14.39
C VAL A 263 -0.41 -11.80 -15.75
N ASN A 264 -1.41 -11.28 -16.48
CA ASN A 264 -1.17 -10.57 -17.72
C ASN A 264 -0.77 -9.10 -17.57
N GLU A 265 -1.28 -8.41 -16.55
CA GLU A 265 -0.92 -7.01 -16.35
C GLU A 265 -0.71 -6.75 -14.87
N TRP A 266 0.41 -6.10 -14.55
CA TRP A 266 0.75 -5.73 -13.17
C TRP A 266 0.55 -4.24 -12.95
N TYR A 267 -0.14 -3.91 -11.85
CA TYR A 267 -0.28 -2.51 -11.39
C TYR A 267 0.27 -2.39 -9.98
N SER A 268 1.02 -1.33 -9.73
CA SER A 268 1.61 -1.14 -8.43
C SER A 268 1.12 0.21 -7.88
N ILE A 269 0.87 0.23 -6.58
CA ILE A 269 0.48 1.45 -5.88
C ILE A 269 1.40 1.61 -4.67
N GLY A 270 1.42 2.80 -4.11
CA GLY A 270 2.24 3.07 -2.95
C GLY A 270 3.55 3.70 -3.35
N GLY A 271 4.61 3.30 -2.66
CA GLY A 271 5.85 4.07 -2.67
C GLY A 271 6.58 4.10 -4.00
N ILE A 272 6.37 3.08 -4.81
CA ILE A 272 7.09 2.97 -6.06
C ILE A 272 6.70 4.13 -6.98
N SER A 273 5.44 4.52 -6.90
CA SER A 273 4.92 5.67 -7.65
C SER A 273 5.67 6.95 -7.28
N ASN A 274 5.96 7.14 -5.99
CA ASN A 274 6.74 8.30 -5.55
C ASN A 274 8.18 8.31 -6.07
N LEU A 275 8.86 7.17 -5.99
CA LEU A 275 10.22 7.04 -6.48
C LEU A 275 10.32 7.27 -7.99
N ALA A 276 9.44 6.61 -8.74
CA ALA A 276 9.44 6.68 -10.19
C ALA A 276 9.08 8.10 -10.66
N SER A 277 8.24 8.80 -9.91
CA SER A 277 7.84 10.17 -10.24
C SER A 277 8.78 11.27 -9.74
N SER A 278 9.92 10.89 -9.19
CA SER A 278 10.90 11.87 -8.71
C SER A 278 11.78 12.36 -9.87
N GLN A 279 12.54 13.43 -9.64
CA GLN A 279 13.36 14.00 -10.71
C GLN A 279 14.58 13.15 -11.07
N LEU A 280 14.89 12.16 -10.23
CA LEU A 280 16.08 11.34 -10.40
C LEU A 280 15.88 10.15 -11.33
N PHE A 281 14.64 9.72 -11.52
CA PHE A 281 14.31 8.58 -12.37
C PHE A 281 13.48 9.05 -13.54
N HIS A 282 13.59 8.33 -14.66
CA HIS A 282 12.83 8.70 -15.85
C HIS A 282 12.11 7.49 -16.43
N PHE A 283 10.78 7.55 -16.39
CA PHE A 283 9.94 6.51 -16.97
C PHE A 283 8.86 7.16 -17.79
N GLU A 284 8.44 6.47 -18.85
CA GLU A 284 7.37 6.96 -19.68
C GLU A 284 6.09 6.18 -19.44
N ASN A 285 4.97 6.84 -19.73
CA ASN A 285 3.66 6.21 -19.68
C ASN A 285 3.31 5.56 -18.32
N SER A 286 3.83 6.09 -17.23
CA SER A 286 3.55 5.56 -15.88
C SER A 286 3.79 4.05 -15.81
N GLU A 287 4.86 3.61 -16.46
CA GLU A 287 5.27 2.20 -16.57
CA GLU A 287 5.26 2.22 -16.34
C GLU A 287 6.77 2.14 -16.30
N LEU A 288 7.23 1.05 -15.70
CA LEU A 288 8.65 0.82 -15.57
C LEU A 288 8.97 -0.66 -15.82
N THR A 289 10.26 -0.96 -15.97
CA THR A 289 10.72 -2.34 -15.85
C THR A 289 11.69 -2.36 -14.68
N ASN A 290 11.77 -3.50 -14.02
CA ASN A 290 12.73 -3.68 -12.94
C ASN A 290 14.16 -3.52 -13.40
N GLN A 291 14.50 -4.03 -14.59
CA GLN A 291 15.85 -3.85 -15.15
C GLN A 291 16.22 -2.36 -15.16
N SER A 292 15.30 -1.55 -15.69
CA SER A 292 15.54 -0.12 -15.83
C SER A 292 15.62 0.58 -14.48
N LEU A 293 14.74 0.19 -13.56
CA LEU A 293 14.72 0.76 -12.22
C LEU A 293 16.06 0.54 -11.51
N LEU A 294 16.55 -0.69 -11.53
CA LEU A 294 17.83 -0.98 -10.89
C LEU A 294 19.00 -0.23 -11.54
N GLN A 295 19.03 -0.18 -12.87
CA GLN A 295 20.12 0.47 -13.59
C GLN A 295 20.14 1.95 -13.29
N GLN A 296 18.97 2.57 -13.32
CA GLN A 296 18.88 4.00 -13.00
C GLN A 296 19.28 4.32 -11.57
N GLY A 297 18.82 3.51 -10.61
CA GLY A 297 19.18 3.71 -9.20
C GLY A 297 20.68 3.57 -9.01
N ASP A 298 21.27 2.57 -9.67
CA ASP A 298 22.71 2.30 -9.59
C ASP A 298 23.51 3.51 -10.11
N ASN A 299 23.13 4.00 -11.28
CA ASN A 299 23.88 5.04 -11.95
C ASN A 299 23.65 6.42 -11.36
N GLN A 300 22.39 6.72 -11.04
CA GLN A 300 22.03 8.08 -10.65
C GLN A 300 22.12 8.34 -9.15
N ILE A 301 22.18 7.28 -8.33
CA ILE A 301 22.28 7.45 -6.88
C ILE A 301 23.44 6.65 -6.26
N CYS A 302 23.43 5.33 -6.44
CA CYS A 302 24.38 4.47 -5.71
C CYS A 302 25.83 4.89 -5.99
N HIS A 303 26.16 5.12 -7.26
CA HIS A 303 27.53 5.45 -7.64
C HIS A 303 27.83 6.96 -7.73
N GLN A 304 26.94 7.79 -7.19
CA GLN A 304 27.17 9.23 -7.12
C GLN A 304 27.83 9.61 -5.82
N GLN A 305 28.48 10.76 -5.79
CA GLN A 305 29.04 11.32 -4.58
C GLN A 305 27.91 12.04 -3.82
N TRP A 306 27.70 11.68 -2.56
CA TRP A 306 26.57 12.22 -1.82
C TRP A 306 26.52 13.75 -1.79
N ASP A 307 27.67 14.36 -1.51
CA ASP A 307 27.76 15.83 -1.43
CA ASP A 307 27.77 15.82 -1.43
C ASP A 307 27.24 16.48 -2.70
N ILE A 308 27.66 15.98 -3.86
CA ILE A 308 27.27 16.50 -5.18
C ILE A 308 25.78 16.26 -5.43
N LEU A 309 25.34 15.05 -5.13
CA LEU A 309 23.95 14.67 -5.30
C LEU A 309 23.02 15.52 -4.44
N ASN A 310 23.39 15.70 -3.17
CA ASN A 310 22.61 16.49 -2.23
C ASN A 310 22.55 17.96 -2.63
N GLY A 311 23.61 18.43 -3.27
CA GLY A 311 23.71 19.82 -3.74
C GLY A 311 22.79 20.12 -4.92
N GLN A 312 22.61 19.13 -5.79
CA GLN A 312 21.73 19.27 -6.95
C GLN A 312 20.25 19.18 -6.59
N TYR A 313 19.93 18.36 -5.60
CA TYR A 313 18.55 18.16 -5.19
C TYR A 313 18.39 18.35 -3.67
N PRO A 314 18.53 19.60 -3.19
CA PRO A 314 18.51 19.78 -1.73
C PRO A 314 17.11 19.68 -1.11
N ASP A 315 16.08 19.61 -1.96
CA ASP A 315 14.68 19.68 -1.53
C ASP A 315 13.99 18.33 -1.40
N ASP A 316 14.63 17.27 -1.89
CA ASP A 316 14.07 15.95 -1.79
C ASP A 316 14.67 15.28 -0.56
N GLU A 317 13.89 15.22 0.52
CA GLU A 317 14.35 14.63 1.78
C GLU A 317 14.44 13.09 1.70
N TYR A 318 13.96 12.50 0.61
CA TYR A 318 13.96 11.04 0.49
C TYR A 318 15.09 10.54 -0.41
N LEU A 319 15.74 11.47 -1.11
CA LEU A 319 16.82 11.21 -2.06
C LEU A 319 17.88 10.24 -1.56
N TYR A 320 18.30 10.42 -0.32
CA TYR A 320 19.39 9.64 0.26
C TYR A 320 19.04 8.15 0.29
N GLN A 321 17.75 7.84 0.22
CA GLN A 321 17.28 6.46 0.33
C GLN A 321 17.06 5.79 -1.02
N TYR A 322 17.28 6.51 -2.13
CA TYR A 322 16.88 5.98 -3.44
C TYR A 322 17.71 4.80 -3.97
N CYS A 323 18.96 4.67 -3.52
CA CYS A 323 19.78 3.52 -3.86
C CYS A 323 19.15 2.29 -3.18
N LEU A 324 18.87 2.42 -1.89
CA LEU A 324 18.26 1.32 -1.15
C LEU A 324 16.86 0.98 -1.74
N LEU A 325 16.04 1.98 -2.01
CA LEU A 325 14.68 1.73 -2.45
C LEU A 325 14.59 1.10 -3.83
N SER A 326 15.40 1.58 -4.79
CA SER A 326 15.40 0.98 -6.14
C SER A 326 15.86 -0.49 -6.03
N SER A 327 16.88 -0.74 -5.20
CA SER A 327 17.40 -2.12 -4.94
C SER A 327 16.33 -3.01 -4.31
N TYR A 328 15.62 -2.43 -3.33
CA TYR A 328 14.56 -3.14 -2.59
C TYR A 328 13.38 -3.50 -3.48
N TYR A 329 12.94 -2.57 -4.33
CA TYR A 329 11.79 -2.88 -5.21
C TYR A 329 12.15 -4.03 -6.18
N TYR A 330 13.41 -4.00 -6.66
CA TYR A 330 13.89 -5.04 -7.57
C TYR A 330 13.95 -6.37 -6.82
N ALA A 331 14.54 -6.36 -5.61
CA ALA A 331 14.63 -7.58 -4.79
C ALA A 331 13.22 -8.18 -4.59
N LEU A 332 12.26 -7.30 -4.29
CA LEU A 332 10.88 -7.74 -4.00
C LEU A 332 10.22 -8.33 -5.24
N MET A 333 10.21 -7.54 -6.31
CA MET A 333 9.46 -7.95 -7.52
C MET A 333 10.14 -9.09 -8.27
N VAL A 334 11.46 -9.02 -8.41
CA VAL A 334 12.21 -9.98 -9.24
C VAL A 334 12.63 -11.20 -8.42
N ASP A 335 13.41 -10.98 -7.36
CA ASP A 335 13.88 -12.11 -6.55
C ASP A 335 12.80 -12.73 -5.67
N GLY A 336 11.84 -11.90 -5.23
CA GLY A 336 10.76 -12.37 -4.39
C GLY A 336 9.61 -12.93 -5.23
N TYR A 337 8.93 -12.05 -5.97
CA TYR A 337 7.74 -12.46 -6.72
C TYR A 337 8.05 -13.23 -8.02
N GLY A 338 9.30 -13.17 -8.47
CA GLY A 338 9.70 -13.87 -9.70
C GLY A 338 9.37 -13.18 -11.02
N ILE A 339 9.00 -11.90 -10.95
CA ILE A 339 8.68 -11.14 -12.16
C ILE A 339 9.97 -10.95 -12.99
N ASN A 340 9.86 -11.16 -14.30
CA ASN A 340 10.98 -10.95 -15.22
C ASN A 340 11.45 -9.49 -15.16
N PRO A 341 12.79 -9.24 -15.10
CA PRO A 341 13.31 -7.87 -15.06
C PRO A 341 12.87 -7.01 -16.24
N ASN A 342 12.48 -7.64 -17.35
CA ASN A 342 12.01 -6.91 -18.55
C ASN A 342 10.49 -6.72 -18.62
N GLN A 343 9.77 -7.27 -17.65
CA GLN A 343 8.31 -7.13 -17.63
C GLN A 343 7.85 -5.71 -17.26
N THR A 344 6.94 -5.16 -18.09
CA THR A 344 6.34 -3.86 -17.80
C THR A 344 5.52 -3.91 -16.52
N ILE A 345 5.76 -2.96 -15.63
CA ILE A 345 4.97 -2.79 -14.41
C ILE A 345 4.34 -1.39 -14.46
N HIS A 346 3.01 -1.34 -14.47
CA HIS A 346 2.32 -0.05 -14.41
C HIS A 346 2.33 0.45 -12.98
N TYR A 347 2.55 1.73 -12.79
CA TYR A 347 2.38 2.31 -11.47
C TYR A 347 1.33 3.42 -11.53
N ILE A 348 0.51 3.52 -10.49
CA ILE A 348 -0.57 4.51 -10.50
C ILE A 348 0.03 5.87 -10.11
N PRO A 349 -0.09 6.89 -10.99
CA PRO A 349 0.49 8.21 -10.70
C PRO A 349 0.09 8.69 -9.30
N PRO A 350 1.05 9.22 -8.52
CA PRO A 350 0.74 9.66 -7.15
C PRO A 350 -0.37 10.72 -7.08
N GLU A 351 -0.42 11.61 -8.08
CA GLU A 351 -1.43 12.68 -8.12
C GLU A 351 -2.85 12.13 -8.27
N GLN A 352 -2.98 10.88 -8.70
CA GLN A 352 -4.28 10.31 -9.04
C GLN A 352 -5.17 10.06 -7.83
N ASN A 353 -6.46 10.34 -8.01
CA ASN A 353 -7.48 10.00 -7.02
C ASN A 353 -7.81 8.51 -7.16
N LEU A 354 -6.81 7.68 -6.88
CA LEU A 354 -7.00 6.24 -6.77
C LEU A 354 -6.53 5.83 -5.41
N ASP A 355 -7.46 5.42 -4.57
CA ASP A 355 -7.17 5.03 -3.22
C ASP A 355 -7.84 3.70 -2.91
N TRP A 356 -7.16 2.85 -2.13
CA TRP A 356 -7.70 1.55 -1.65
C TRP A 356 -9.07 1.61 -0.96
N THR A 357 -9.41 2.74 -0.38
CA THR A 357 -10.70 2.91 0.30
C THR A 357 -11.91 2.76 -0.64
N ILE A 358 -11.71 2.97 -1.95
CA ILE A 358 -12.73 2.66 -2.97
C ILE A 358 -13.17 1.18 -2.87
N GLY A 359 -12.20 0.30 -2.59
CA GLY A 359 -12.47 -1.12 -2.40
C GLY A 359 -13.43 -1.40 -1.25
N VAL A 360 -13.35 -0.61 -0.19
CA VAL A 360 -14.25 -0.73 0.95
C VAL A 360 -15.69 -0.38 0.51
N VAL A 361 -15.82 0.69 -0.30
CA VAL A 361 -17.12 1.04 -0.84
C VAL A 361 -17.70 -0.15 -1.63
N LEU A 362 -16.90 -0.68 -2.57
CA LEU A 362 -17.38 -1.77 -3.42
C LEU A 362 -17.78 -3.00 -2.63
N HIS A 363 -17.02 -3.34 -1.60
CA HIS A 363 -17.18 -4.63 -0.92
C HIS A 363 -18.16 -4.56 0.25
N ARG A 364 -18.17 -3.42 0.92
CA ARG A 364 -18.88 -3.28 2.21
C ARG A 364 -20.06 -2.30 2.24
N ALA A 365 -20.15 -1.38 1.29
CA ALA A 365 -21.20 -0.36 1.40
C ALA A 365 -22.58 -0.99 1.25
#